data_6XHG
#
_entry.id   6XHG
#
_cell.length_a   32.220
_cell.length_b   36.130
_cell.length_c   75.490
_cell.angle_alpha   100.540
_cell.angle_beta   95.550
_cell.angle_gamma   90.010
#
_symmetry.space_group_name_H-M   'P 1'
#
loop_
_entity.id
_entity.type
_entity.pdbx_description
1 polymer JSC1_58120g3
2 non-polymer '3-[2-[(~{Z})-[5-[(4-ethenyl-3-methyl-5-oxidanylidene-pyrrol-2-ylidene)methyl]-3-(3-hydroxy-3-oxopropyl)-4-methyl-pyrrol-2-ylidene]methyl]-5-[(~{Z})-(3-ethyl-4-methyl-5-oxidanylidene-pyrrol-2-ylidene)methyl]-4-methyl-1~{H}-pyrrol-3-yl]propanoic acid'
3 non-polymer 1,2-ETHANEDIOL
4 water water
#
_entity_poly.entity_id   1
_entity_poly.type   'polypeptide(L)'
_entity_poly.pdbx_seq_one_letter_code
;MEQALNRVITKIRQVSDLESIFSTTTQEVRRLFGIERVTIYKFREDYFGDFITESEAGGWRKLVGSGWEDPYLNEHQGGR
FQQNQPFVVDDIYLGETIWEEGKFNLQKPKRPLTDCHIEALESFEVKSCAVVAIFQGQKLWGLLSAFQNSAPRHWDEAEV
QLLMRVADQLGVAIQQAEYLAQ
;
_entity_poly.pdbx_strand_id   A,B
#
loop_
_chem_comp.id
_chem_comp.type
_chem_comp.name
_chem_comp.formula
BVX non-polymer '3-[2-[(~{Z})-[5-[(4-ethenyl-3-methyl-5-oxidanylidene-pyrrol-2-ylidene)methyl]-3-(3-hydroxy-3-oxopropyl)-4-methyl-pyrrol-2-ylidene]methyl]-5-[(~{Z})-(3-ethyl-4-methyl-5-oxidanylidene-pyrrol-2-ylidene)methyl]-4-methyl-1~{H}-pyrrol-3-yl]propanoic acid' 'C33 H36 N4 O6'
EDO non-polymer 1,2-ETHANEDIOL 'C2 H6 O2'
#
# COMPACT_ATOMS: atom_id res chain seq x y z
N GLN A 3 17.23 -2.93 0.37
CA GLN A 3 16.09 -3.67 0.90
C GLN A 3 14.82 -2.82 0.84
N ALA A 4 14.92 -1.56 1.27
CA ALA A 4 13.80 -0.64 1.11
C ALA A 4 13.45 -0.47 -0.36
N LEU A 5 14.48 -0.30 -1.20
CA LEU A 5 14.27 -0.18 -2.64
C LEU A 5 13.60 -1.44 -3.20
N ASN A 6 14.09 -2.62 -2.78
CA ASN A 6 13.51 -3.85 -3.29
C ASN A 6 12.03 -3.95 -2.91
N ARG A 7 11.66 -3.49 -1.71
CA ARG A 7 10.26 -3.44 -1.31
C ARG A 7 9.46 -2.52 -2.21
N VAL A 8 10.00 -1.33 -2.49
CA VAL A 8 9.29 -0.39 -3.36
C VAL A 8 9.10 -1.00 -4.75
N ILE A 9 10.16 -1.56 -5.33
CA ILE A 9 10.06 -2.12 -6.67
C ILE A 9 9.08 -3.29 -6.70
N THR A 10 9.11 -4.13 -5.65
CA THR A 10 8.15 -5.23 -5.56
C THR A 10 6.72 -4.71 -5.60
N LYS A 11 6.42 -3.72 -4.75
CA LYS A 11 5.07 -3.17 -4.72
C LYS A 11 4.70 -2.55 -6.06
N ILE A 12 5.64 -1.83 -6.69
CA ILE A 12 5.36 -1.20 -7.98
C ILE A 12 5.00 -2.24 -9.03
N ARG A 13 5.74 -3.35 -9.07
CA ARG A 13 5.50 -4.34 -10.12
C ARG A 13 4.36 -5.30 -9.81
N GLN A 14 3.79 -5.24 -8.60
CA GLN A 14 2.65 -6.09 -8.29
C GLN A 14 1.34 -5.50 -8.77
N VAL A 15 1.37 -4.32 -9.39
CA VAL A 15 0.21 -3.74 -10.06
C VAL A 15 0.56 -3.49 -11.52
N SER A 16 -0.49 -3.27 -12.32
CA SER A 16 -0.39 -3.27 -13.77
C SER A 16 -0.40 -1.87 -14.37
N ASP A 17 -1.41 -1.07 -14.02
CA ASP A 17 -1.65 0.21 -14.66
C ASP A 17 -0.79 1.31 -14.03
N LEU A 18 -0.54 2.36 -14.81
CA LEU A 18 0.35 3.43 -14.39
C LEU A 18 -0.19 4.20 -13.19
N GLU A 19 -1.51 4.37 -13.08
CA GLU A 19 -2.06 5.10 -11.94
C GLU A 19 -1.86 4.34 -10.64
N SER A 20 -2.04 3.01 -10.66
CA SER A 20 -1.76 2.22 -9.47
C SER A 20 -0.29 2.28 -9.12
N ILE A 21 0.57 2.26 -10.13
CA ILE A 21 2.01 2.37 -9.90
C ILE A 21 2.33 3.69 -9.21
N PHE A 22 1.77 4.79 -9.70
CA PHE A 22 1.98 6.10 -9.09
C PHE A 22 1.51 6.14 -7.65
N SER A 23 0.31 5.64 -7.39
CA SER A 23 -0.24 5.72 -6.04
C SER A 23 0.57 4.85 -5.07
N THR A 24 0.87 3.61 -5.48
CA THR A 24 1.70 2.73 -4.66
C THR A 24 3.07 3.35 -4.41
N THR A 25 3.66 3.97 -5.43
CA THR A 25 4.98 4.57 -5.27
C THR A 25 4.97 5.67 -4.23
N THR A 26 4.02 6.62 -4.35
CA THR A 26 3.97 7.72 -3.41
C THR A 26 3.68 7.22 -2.00
N GLN A 27 2.79 6.23 -1.87
CA GLN A 27 2.49 5.69 -0.54
C GLN A 27 3.72 5.03 0.07
N GLU A 28 4.42 4.21 -0.71
CA GLU A 28 5.55 3.47 -0.16
C GLU A 28 6.70 4.40 0.20
N VAL A 29 6.99 5.38 -0.65
CA VAL A 29 8.04 6.33 -0.31
C VAL A 29 7.68 7.14 0.93
N ARG A 30 6.42 7.58 1.04
CA ARG A 30 6.02 8.37 2.20
C ARG A 30 6.13 7.55 3.48
N ARG A 31 5.64 6.32 3.44
CA ARG A 31 5.74 5.43 4.61
C ARG A 31 7.20 5.16 4.98
N LEU A 32 8.02 4.80 3.99
CA LEU A 32 9.43 4.47 4.25
C LEU A 32 10.14 5.64 4.91
N PHE A 33 9.95 6.86 4.38
CA PHE A 33 10.62 8.02 4.95
C PHE A 33 9.92 8.56 6.18
N GLY A 34 8.72 8.08 6.49
CA GLY A 34 7.95 8.61 7.60
C GLY A 34 7.77 10.12 7.50
N ILE A 35 7.36 10.61 6.34
CA ILE A 35 7.22 12.04 6.11
C ILE A 35 5.77 12.36 5.74
N GLU A 36 5.50 13.64 5.46
CA GLU A 36 4.14 14.13 5.36
C GLU A 36 3.62 14.23 3.94
N ARG A 37 4.48 14.27 2.92
CA ARG A 37 3.93 14.25 1.58
C ARG A 37 4.96 13.73 0.59
N VAL A 38 4.51 12.93 -0.35
CA VAL A 38 5.29 12.57 -1.53
C VAL A 38 4.42 12.78 -2.75
N THR A 39 4.98 13.41 -3.78
CA THR A 39 4.24 13.77 -4.96
C THR A 39 4.98 13.32 -6.22
N ILE A 40 4.19 13.04 -7.25
CA ILE A 40 4.66 12.90 -8.62
C ILE A 40 4.11 14.07 -9.43
N TYR A 41 5.01 14.78 -10.10
CA TYR A 41 4.68 16.01 -10.81
C TYR A 41 5.11 15.85 -12.26
N LYS A 42 4.22 16.14 -13.19
CA LYS A 42 4.46 15.95 -14.61
C LYS A 42 4.71 17.29 -15.29
N PHE A 43 5.82 17.38 -16.03
CA PHE A 43 6.14 18.58 -16.79
C PHE A 43 5.19 18.73 -17.97
N ARG A 44 4.73 19.97 -18.20
CA ARG A 44 4.15 20.34 -19.48
C ARG A 44 5.26 20.56 -20.51
N GLU A 45 4.87 20.89 -21.75
CA GLU A 45 5.85 21.08 -22.80
C GLU A 45 6.77 22.26 -22.54
N ASP A 46 6.33 23.23 -21.74
CA ASP A 46 7.11 24.41 -21.41
C ASP A 46 7.81 24.29 -20.05
N TYR A 47 7.79 23.11 -19.44
CA TYR A 47 8.39 22.80 -18.16
C TYR A 47 7.74 23.53 -17.00
N PHE A 48 6.58 24.14 -17.21
CA PHE A 48 5.57 24.16 -16.16
C PHE A 48 5.07 22.73 -15.95
N GLY A 49 4.14 22.54 -15.02
CA GLY A 49 3.73 21.18 -14.73
C GLY A 49 2.61 21.12 -13.72
N ASP A 50 2.13 19.90 -13.51
CA ASP A 50 0.95 19.64 -12.69
C ASP A 50 1.19 18.43 -11.80
N PHE A 51 0.63 18.49 -10.59
CA PHE A 51 0.68 17.36 -9.67
C PHE A 51 -0.27 16.26 -10.13
N ILE A 52 0.27 15.07 -10.35
CA ILE A 52 -0.51 13.93 -10.85
C ILE A 52 -0.98 13.03 -9.72
N THR A 53 -0.09 12.73 -8.77
CA THR A 53 -0.39 11.80 -7.70
C THR A 53 0.28 12.30 -6.43
N GLU A 54 -0.35 12.02 -5.28
CA GLU A 54 0.23 12.42 -4.01
C GLU A 54 -0.21 11.43 -2.94
N SER A 55 0.68 11.21 -1.98
CA SER A 55 0.35 10.55 -0.73
C SER A 55 0.68 11.50 0.41
N GLU A 56 -0.32 11.86 1.20
CA GLU A 56 -0.14 12.85 2.25
C GLU A 56 -0.60 12.26 3.58
N ALA A 57 0.01 12.73 4.66
CA ALA A 57 -0.31 12.31 6.01
C ALA A 57 -0.21 13.52 6.94
N GLY A 58 -1.27 13.74 7.73
CA GLY A 58 -1.25 14.81 8.71
C GLY A 58 -2.27 15.90 8.46
N GLY A 59 -3.17 15.67 7.51
CA GLY A 59 -4.26 16.59 7.26
C GLY A 59 -3.86 17.85 6.53
N TRP A 60 -3.09 17.72 5.47
CA TRP A 60 -2.63 18.85 4.68
C TRP A 60 -3.55 19.02 3.47
N ARG A 61 -3.48 20.20 2.85
CA ARG A 61 -4.24 20.40 1.63
C ARG A 61 -3.72 19.47 0.54
N LYS A 62 -4.64 19.02 -0.31
CA LYS A 62 -4.30 18.20 -1.47
C LYS A 62 -3.75 19.03 -2.62
N LEU A 63 -2.63 18.58 -3.18
CA LEU A 63 -1.99 19.27 -4.31
C LEU A 63 -2.40 18.71 -5.66
N VAL A 64 -2.89 17.48 -5.73
CA VAL A 64 -3.31 16.93 -7.02
C VAL A 64 -4.43 17.78 -7.59
N GLY A 65 -4.37 18.03 -8.89
CA GLY A 65 -5.25 18.97 -9.55
C GLY A 65 -4.64 20.34 -9.77
N SER A 66 -3.64 20.71 -8.97
CA SER A 66 -3.04 22.03 -9.00
C SER A 66 -1.77 22.01 -9.82
N GLY A 67 -1.40 23.19 -10.33
CA GLY A 67 -0.15 23.33 -11.05
C GLY A 67 0.86 24.18 -10.31
N TRP A 68 2.13 24.04 -10.67
CA TRP A 68 3.18 24.95 -10.22
C TRP A 68 3.88 25.41 -11.48
N GLU A 69 3.75 26.70 -11.81
CA GLU A 69 4.37 27.28 -12.99
C GLU A 69 5.63 28.03 -12.58
N ASP A 70 6.72 27.29 -12.47
CA ASP A 70 7.96 27.86 -11.98
C ASP A 70 8.68 28.58 -13.12
N PRO A 71 8.85 29.90 -13.05
CA PRO A 71 9.47 30.62 -14.18
C PRO A 71 10.91 30.22 -14.43
N TYR A 72 11.65 29.87 -13.37
CA TYR A 72 13.03 29.44 -13.53
C TYR A 72 13.13 28.12 -14.29
N LEU A 73 12.32 27.13 -13.90
CA LEU A 73 12.32 25.86 -14.61
C LEU A 73 11.89 26.03 -16.07
N ASN A 74 10.99 26.98 -16.34
CA ASN A 74 10.59 27.23 -17.72
C ASN A 74 11.74 27.85 -18.51
N GLU A 75 12.36 28.89 -17.97
CA GLU A 75 13.41 29.59 -18.72
C GLU A 75 14.64 28.71 -18.92
N HIS A 76 14.91 27.79 -18.00
CA HIS A 76 16.06 26.91 -18.09
C HIS A 76 15.68 25.50 -18.52
N GLN A 77 14.46 25.33 -19.07
CA GLN A 77 13.94 24.06 -19.56
C GLN A 77 14.23 22.89 -18.63
N GLY A 78 13.66 22.93 -17.43
CA GLY A 78 13.84 21.87 -16.45
C GLY A 78 14.99 22.08 -15.50
N GLY A 79 15.86 23.06 -15.75
CA GLY A 79 16.93 23.38 -14.83
C GLY A 79 17.92 22.24 -14.63
N ARG A 80 18.37 22.10 -13.37
CA ARG A 80 19.39 21.13 -13.03
C ARG A 80 18.91 19.71 -13.27
N PHE A 81 17.60 19.52 -13.39
CA PHE A 81 17.06 18.17 -13.54
C PHE A 81 17.40 17.60 -14.90
N GLN A 82 17.75 18.46 -15.87
CA GLN A 82 18.20 17.91 -17.15
C GLN A 82 19.51 17.16 -16.99
N GLN A 83 20.30 17.50 -15.97
CA GLN A 83 21.52 16.80 -15.64
C GLN A 83 21.32 15.78 -14.54
N ASN A 84 20.06 15.46 -14.19
CA ASN A 84 19.73 14.55 -13.10
C ASN A 84 20.41 14.97 -11.80
N GLN A 85 20.43 16.27 -11.55
CA GLN A 85 20.86 16.68 -10.23
C GLN A 85 19.64 16.81 -9.32
N PRO A 86 19.74 16.35 -8.08
CA PRO A 86 18.63 16.52 -7.14
C PRO A 86 18.63 17.92 -6.54
N PHE A 87 17.51 18.26 -5.90
CA PHE A 87 17.37 19.49 -5.15
C PHE A 87 17.00 19.11 -3.72
N VAL A 88 17.88 19.42 -2.78
CA VAL A 88 17.83 18.88 -1.43
C VAL A 88 17.85 20.05 -0.47
N VAL A 89 16.76 20.26 0.25
CA VAL A 89 16.60 21.42 1.12
C VAL A 89 16.04 20.92 2.45
N ASP A 90 16.91 20.82 3.46
CA ASP A 90 16.45 20.44 4.79
C ASP A 90 15.42 21.43 5.32
N ASP A 91 15.67 22.73 5.12
CA ASP A 91 14.90 23.81 5.73
C ASP A 91 14.83 24.90 4.67
N ILE A 92 13.63 25.18 4.17
CA ILE A 92 13.50 26.13 3.07
C ILE A 92 13.99 27.52 3.44
N TYR A 93 14.15 27.81 4.74
CA TYR A 93 14.62 29.11 5.18
C TYR A 93 16.12 29.19 5.33
N LEU A 94 16.83 28.08 5.20
CA LEU A 94 18.29 28.06 5.34
C LEU A 94 19.02 27.71 4.05
N GLY A 95 18.45 26.85 3.22
CA GLY A 95 18.89 26.69 1.85
C GLY A 95 19.25 25.26 1.52
N GLU A 96 19.75 25.08 0.29
CA GLU A 96 19.94 23.76 -0.29
C GLU A 96 21.30 23.18 0.09
N THR A 97 21.34 21.86 0.22
CA THR A 97 22.58 21.11 0.36
C THR A 97 23.26 20.95 -1.00
N ILE A 98 24.53 21.31 -1.07
CA ILE A 98 25.24 21.29 -2.35
C ILE A 98 25.53 19.84 -2.74
N TRP A 99 25.18 19.50 -3.97
CA TRP A 99 25.32 18.15 -4.51
C TRP A 99 26.33 18.18 -5.67
N GLU A 100 27.44 17.46 -5.50
CA GLU A 100 28.50 17.45 -6.49
C GLU A 100 29.10 16.04 -6.55
N GLU A 101 29.39 15.59 -7.78
CA GLU A 101 29.89 14.23 -8.04
C GLU A 101 29.01 13.17 -7.38
N GLY A 102 27.70 13.36 -7.51
CA GLY A 102 26.77 12.37 -7.02
C GLY A 102 26.70 12.21 -5.52
N LYS A 103 27.07 13.24 -4.76
CA LYS A 103 27.02 13.18 -3.30
C LYS A 103 26.95 14.60 -2.76
N PHE A 104 26.74 14.72 -1.46
CA PHE A 104 26.78 16.02 -0.81
C PHE A 104 28.20 16.55 -0.81
N ASN A 105 28.34 17.86 -1.02
CA ASN A 105 29.60 18.54 -0.74
C ASN A 105 29.49 19.10 0.67
N LEU A 106 30.08 18.39 1.64
CA LEU A 106 29.98 18.78 3.04
C LEU A 106 30.83 20.00 3.37
N GLN A 107 31.76 20.37 2.47
CA GLN A 107 32.61 21.53 2.69
C GLN A 107 31.92 22.85 2.36
N LYS A 108 30.82 22.81 1.61
CA LYS A 108 30.17 24.04 1.20
C LYS A 108 28.97 24.38 2.09
N PRO A 109 28.79 25.66 2.40
CA PRO A 109 27.60 26.08 3.15
C PRO A 109 26.35 25.91 2.31
N LYS A 110 25.21 25.85 3.00
CA LYS A 110 23.92 25.81 2.34
C LYS A 110 23.69 27.07 1.51
N ARG A 111 22.96 26.92 0.41
CA ARG A 111 22.69 28.01 -0.52
C ARG A 111 21.27 28.50 -0.33
N PRO A 112 21.06 29.72 0.16
CA PRO A 112 19.69 30.19 0.39
C PRO A 112 18.89 30.23 -0.90
N LEU A 113 17.60 29.97 -0.77
CA LEU A 113 16.69 29.99 -1.91
C LEU A 113 16.23 31.41 -2.18
N THR A 114 15.87 31.67 -3.44
CA THR A 114 15.29 32.95 -3.79
C THR A 114 13.94 33.10 -3.11
N ASP A 115 13.61 34.33 -2.73
CA ASP A 115 12.45 34.54 -1.86
C ASP A 115 11.16 34.10 -2.53
N CYS A 116 11.02 34.31 -3.84
CA CYS A 116 9.78 33.89 -4.49
C CYS A 116 9.70 32.37 -4.61
N HIS A 117 10.84 31.68 -4.68
CA HIS A 117 10.83 30.23 -4.59
C HIS A 117 10.37 29.78 -3.21
N ILE A 118 10.90 30.40 -2.16
CA ILE A 118 10.45 30.10 -0.80
C ILE A 118 8.96 30.35 -0.68
N GLU A 119 8.48 31.45 -1.28
CA GLU A 119 7.06 31.79 -1.17
C GLU A 119 6.19 30.76 -1.91
N ALA A 120 6.64 30.30 -3.08
CA ALA A 120 5.92 29.24 -3.78
C ALA A 120 5.84 27.96 -2.94
N LEU A 121 6.97 27.58 -2.33
CA LEU A 121 6.98 26.42 -1.46
C LEU A 121 6.03 26.60 -0.28
N GLU A 122 6.07 27.78 0.35
CA GLU A 122 5.09 28.09 1.39
C GLU A 122 3.67 27.96 0.85
N SER A 123 3.45 28.38 -0.40
CA SER A 123 2.12 28.29 -0.99
C SER A 123 1.69 26.85 -1.14
N PHE A 124 2.63 25.92 -1.17
CA PHE A 124 2.32 24.50 -1.21
C PHE A 124 2.48 23.86 0.17
N GLU A 125 2.68 24.67 1.21
CA GLU A 125 2.76 24.23 2.61
C GLU A 125 4.03 23.42 2.90
N VAL A 126 5.10 23.67 2.14
CA VAL A 126 6.33 22.89 2.25
C VAL A 126 7.30 23.62 3.18
N LYS A 127 7.91 22.87 4.09
CA LYS A 127 9.00 23.39 4.91
C LYS A 127 10.33 22.69 4.65
N SER A 128 10.33 21.62 3.85
CA SER A 128 11.50 20.80 3.60
C SER A 128 11.21 20.00 2.34
N CYS A 129 12.19 19.89 1.44
CA CYS A 129 11.91 19.18 0.21
C CYS A 129 13.13 18.46 -0.35
N ALA A 130 12.92 17.24 -0.82
CA ALA A 130 13.89 16.50 -1.62
C ALA A 130 13.24 16.15 -2.94
N VAL A 131 13.81 16.64 -4.04
CA VAL A 131 13.17 16.63 -5.35
C VAL A 131 14.14 16.03 -6.35
N VAL A 132 13.68 15.03 -7.11
CA VAL A 132 14.53 14.35 -8.08
C VAL A 132 13.77 14.20 -9.40
N ALA A 133 14.55 14.05 -10.47
CA ALA A 133 14.00 13.98 -11.82
C ALA A 133 13.40 12.62 -12.11
N ILE A 134 12.29 12.62 -12.83
CA ILE A 134 11.74 11.42 -13.45
C ILE A 134 12.05 11.49 -14.94
N PHE A 135 12.85 10.54 -15.42
CA PHE A 135 13.21 10.46 -16.82
C PHE A 135 12.44 9.34 -17.52
N GLN A 136 11.84 9.65 -18.67
CA GLN A 136 11.25 8.68 -19.57
C GLN A 136 12.25 8.49 -20.71
N GLY A 137 13.01 7.41 -20.66
CA GLY A 137 14.18 7.33 -21.52
C GLY A 137 15.16 8.40 -21.11
N GLN A 138 15.64 9.17 -22.10
CA GLN A 138 16.45 10.34 -21.82
C GLN A 138 15.63 11.62 -21.95
N LYS A 139 14.30 11.54 -21.85
CA LYS A 139 13.46 12.72 -21.90
C LYS A 139 13.02 13.06 -20.48
N LEU A 140 13.26 14.30 -20.06
CA LEU A 140 12.81 14.73 -18.73
C LEU A 140 11.29 14.85 -18.69
N TRP A 141 10.65 13.98 -17.90
CA TRP A 141 9.20 13.81 -17.85
C TRP A 141 8.56 14.53 -16.67
N GLY A 142 9.23 14.54 -15.52
CA GLY A 142 8.64 15.12 -14.34
C GLY A 142 9.58 15.07 -13.17
N LEU A 143 9.00 15.21 -11.98
CA LEU A 143 9.73 15.27 -10.72
C LEU A 143 9.08 14.37 -9.69
N LEU A 144 9.90 13.71 -8.89
CA LEU A 144 9.45 13.00 -7.70
C LEU A 144 9.90 13.81 -6.50
N SER A 145 8.94 14.25 -5.68
CA SER A 145 9.23 15.15 -4.57
C SER A 145 8.85 14.51 -3.24
N ALA A 146 9.77 14.57 -2.28
CA ALA A 146 9.50 14.25 -0.89
C ALA A 146 9.45 15.56 -0.08
N PHE A 147 8.35 15.77 0.64
CA PHE A 147 8.09 17.02 1.35
C PHE A 147 7.85 16.69 2.82
N GLN A 148 8.36 17.57 3.68
CA GLN A 148 7.90 17.69 5.06
C GLN A 148 7.24 19.05 5.21
N ASN A 149 6.08 19.07 5.87
CA ASN A 149 5.24 20.26 5.93
C ASN A 149 5.25 20.95 7.28
N SER A 150 5.38 20.20 8.37
CA SER A 150 5.27 20.76 9.71
C SER A 150 6.59 21.24 10.29
N ALA A 151 7.72 20.84 9.72
CA ALA A 151 9.01 21.07 10.33
C ALA A 151 10.10 20.84 9.29
N PRO A 152 11.30 21.39 9.49
CA PRO A 152 12.44 20.94 8.70
C PRO A 152 12.74 19.47 8.93
N ARG A 153 13.46 18.88 8.00
CA ARG A 153 13.90 17.49 8.14
C ARG A 153 15.23 17.35 7.41
N HIS A 154 16.17 16.65 8.04
CA HIS A 154 17.48 16.46 7.45
C HIS A 154 17.44 15.33 6.42
N TRP A 155 17.94 15.62 5.23
CA TRP A 155 18.09 14.62 4.17
C TRP A 155 19.54 14.16 4.10
N ASP A 156 19.74 12.85 4.18
CA ASP A 156 21.06 12.27 3.98
C ASP A 156 21.18 11.72 2.57
N GLU A 157 22.41 11.42 2.15
CA GLU A 157 22.63 11.12 0.74
C GLU A 157 22.04 9.76 0.36
N ALA A 158 21.94 8.83 1.31
CA ALA A 158 21.29 7.56 1.04
C ALA A 158 19.80 7.72 0.73
N GLU A 159 19.11 8.65 1.42
CA GLU A 159 17.72 8.92 1.07
C GLU A 159 17.58 9.53 -0.32
N VAL A 160 18.47 10.46 -0.68
CA VAL A 160 18.38 11.06 -2.01
C VAL A 160 18.67 10.02 -3.10
N GLN A 161 19.65 9.16 -2.86
CA GLN A 161 19.95 8.09 -3.82
C GLN A 161 18.76 7.14 -3.95
N LEU A 162 18.14 6.76 -2.83
CA LEU A 162 16.94 5.93 -2.89
C LEU A 162 15.87 6.60 -3.73
N LEU A 163 15.62 7.89 -3.47
CA LEU A 163 14.59 8.61 -4.20
C LEU A 163 14.89 8.58 -5.69
N MET A 164 16.17 8.73 -6.05
CA MET A 164 16.54 8.71 -7.46
C MET A 164 16.33 7.33 -8.07
N ARG A 165 16.54 6.27 -7.28
CA ARG A 165 16.31 4.92 -7.80
C ARG A 165 14.81 4.66 -7.98
N VAL A 166 14.00 5.17 -7.05
CA VAL A 166 12.55 5.07 -7.18
C VAL A 166 12.09 5.82 -8.42
N ALA A 167 12.65 7.02 -8.64
CA ALA A 167 12.31 7.77 -9.84
C ALA A 167 12.73 7.02 -11.10
N ASP A 168 13.88 6.33 -11.05
CA ASP A 168 14.25 5.45 -12.16
C ASP A 168 13.17 4.42 -12.45
N GLN A 169 12.66 3.77 -11.39
CA GLN A 169 11.61 2.77 -11.57
C GLN A 169 10.33 3.38 -12.13
N LEU A 170 9.94 4.55 -11.61
CA LEU A 170 8.81 5.29 -12.17
C LEU A 170 9.00 5.59 -13.65
N GLY A 171 10.19 6.06 -14.02
CA GLY A 171 10.45 6.37 -15.41
C GLY A 171 10.33 5.15 -16.30
N VAL A 172 10.85 4.01 -15.82
CA VAL A 172 10.73 2.76 -16.57
C VAL A 172 9.26 2.37 -16.73
N ALA A 173 8.47 2.55 -15.66
CA ALA A 173 7.04 2.23 -15.75
C ALA A 173 6.32 3.14 -16.73
N ILE A 174 6.67 4.43 -16.73
CA ILE A 174 6.06 5.36 -17.68
C ILE A 174 6.46 5.02 -19.11
N GLN A 175 7.74 4.67 -19.31
CA GLN A 175 8.22 4.27 -20.63
C GLN A 175 7.48 3.04 -21.13
N GLN A 176 7.32 2.03 -20.26
CA GLN A 176 6.64 0.80 -20.67
C GLN A 176 5.15 1.05 -20.91
N ALA A 177 4.55 1.99 -20.19
CA ALA A 177 3.16 2.35 -20.42
C ALA A 177 3.00 3.09 -21.75
N GLU A 178 3.97 3.91 -22.10
CA GLU A 178 3.94 4.62 -23.38
C GLU A 178 4.21 3.67 -24.54
N TYR A 179 4.94 2.59 -24.30
CA TYR A 179 5.16 1.56 -25.32
C TYR A 179 3.84 0.92 -25.74
N GLN B 3 -8.37 -11.92 25.69
CA GLN B 3 -7.05 -11.34 25.88
C GLN B 3 -6.23 -11.40 24.60
N ALA B 4 -6.41 -12.48 23.84
CA ALA B 4 -5.80 -12.56 22.51
C ALA B 4 -6.27 -11.41 21.63
N LEU B 5 -7.57 -11.09 21.70
CA LEU B 5 -8.09 -9.97 20.93
C LEU B 5 -7.49 -8.65 21.39
N ASN B 6 -7.32 -8.48 22.71
CA ASN B 6 -6.79 -7.21 23.20
C ASN B 6 -5.33 -7.04 22.78
N ARG B 7 -4.57 -8.13 22.73
CA ARG B 7 -3.19 -8.06 22.26
C ARG B 7 -3.15 -7.73 20.78
N VAL B 8 -4.05 -8.33 19.99
CA VAL B 8 -4.12 -8.03 18.57
C VAL B 8 -4.44 -6.56 18.35
N ILE B 9 -5.43 -6.04 19.09
CA ILE B 9 -5.82 -4.63 18.94
C ILE B 9 -4.69 -3.71 19.37
N THR B 10 -4.02 -4.04 20.48
CA THR B 10 -2.87 -3.25 20.90
C THR B 10 -1.79 -3.19 19.82
N LYS B 11 -1.44 -4.35 19.26
CA LYS B 11 -0.49 -4.39 18.15
C LYS B 11 -0.96 -3.53 16.99
N ILE B 12 -2.26 -3.63 16.64
CA ILE B 12 -2.81 -2.88 15.52
C ILE B 12 -2.67 -1.39 15.77
N ARG B 13 -2.88 -0.96 17.00
CA ARG B 13 -2.90 0.46 17.32
C ARG B 13 -1.50 1.00 17.57
N GLN B 14 -0.50 0.13 17.72
CA GLN B 14 0.88 0.58 17.88
C GLN B 14 1.53 0.95 16.55
N VAL B 15 0.87 0.67 15.43
CA VAL B 15 1.23 1.19 14.12
C VAL B 15 0.10 2.10 13.62
N SER B 16 0.41 2.94 12.64
CA SER B 16 -0.53 3.97 12.23
C SER B 16 -0.92 3.91 10.75
N ASP B 17 -0.06 3.42 9.88
CA ASP B 17 -0.39 3.32 8.46
C ASP B 17 -1.11 2.01 8.16
N LEU B 18 -1.97 2.04 7.14
CA LEU B 18 -2.85 0.90 6.87
C LEU B 18 -2.05 -0.35 6.50
N GLU B 19 -0.96 -0.19 5.75
CA GLU B 19 -0.15 -1.32 5.34
C GLU B 19 0.48 -2.01 6.55
N SER B 20 0.97 -1.21 7.51
CA SER B 20 1.51 -1.80 8.74
C SER B 20 0.43 -2.52 9.51
N ILE B 21 -0.77 -1.94 9.55
CA ILE B 21 -1.90 -2.58 10.22
C ILE B 21 -2.17 -3.94 9.60
N PHE B 22 -2.21 -4.01 8.26
CA PHE B 22 -2.43 -5.27 7.56
C PHE B 22 -1.35 -6.29 7.90
N SER B 23 -0.08 -5.88 7.81
CA SER B 23 1.01 -6.82 8.03
C SER B 23 1.00 -7.34 9.47
N THR B 24 0.84 -6.42 10.43
CA THR B 24 0.77 -6.82 11.84
C THR B 24 -0.41 -7.74 12.09
N THR B 25 -1.56 -7.43 11.50
CA THR B 25 -2.75 -8.24 11.70
C THR B 25 -2.54 -9.66 11.21
N THR B 26 -2.05 -9.82 9.98
CA THR B 26 -1.86 -11.16 9.46
C THR B 26 -0.80 -11.92 10.27
N GLN B 27 0.27 -11.23 10.69
CA GLN B 27 1.29 -11.92 11.48
C GLN B 27 0.74 -12.37 12.82
N GLU B 28 -0.01 -11.51 13.48
CA GLU B 28 -0.49 -11.84 14.82
C GLU B 28 -1.56 -12.92 14.78
N VAL B 29 -2.47 -12.85 13.82
CA VAL B 29 -3.46 -13.92 13.68
C VAL B 29 -2.78 -15.25 13.35
N ARG B 30 -1.82 -15.24 12.43
CA ARG B 30 -1.15 -16.49 12.06
C ARG B 30 -0.42 -17.10 13.25
N ARG B 31 0.34 -16.28 13.99
CA ARG B 31 1.04 -16.79 15.15
C ARG B 31 0.08 -17.28 16.22
N LEU B 32 -0.98 -16.52 16.50
CA LEU B 32 -1.92 -16.88 17.56
C LEU B 32 -2.56 -18.23 17.24
N PHE B 33 -3.00 -18.42 15.98
CA PHE B 33 -3.63 -19.68 15.61
C PHE B 33 -2.62 -20.77 15.31
N GLY B 34 -1.34 -20.43 15.15
CA GLY B 34 -0.33 -21.41 14.85
C GLY B 34 -0.63 -22.11 13.53
N ILE B 35 -0.94 -21.34 12.51
CA ILE B 35 -1.34 -21.90 11.22
C ILE B 35 -0.36 -21.42 10.15
N GLU B 36 -0.59 -21.85 8.91
CA GLU B 36 0.39 -21.66 7.86
C GLU B 36 0.13 -20.46 6.98
N ARG B 37 -1.09 -19.91 6.98
CA ARG B 37 -1.28 -18.70 6.19
C ARG B 37 -2.46 -17.91 6.73
N VAL B 38 -2.31 -16.59 6.78
CA VAL B 38 -3.43 -15.68 6.98
C VAL B 38 -3.36 -14.62 5.89
N THR B 39 -4.49 -14.33 5.26
CA THR B 39 -4.53 -13.40 4.14
C THR B 39 -5.63 -12.38 4.34
N ILE B 40 -5.39 -11.21 3.78
CA ILE B 40 -6.39 -10.17 3.58
C ILE B 40 -6.63 -10.04 2.08
N TYR B 41 -7.89 -10.17 1.68
CA TYR B 41 -8.26 -10.21 0.27
C TYR B 41 -9.28 -9.10 0.03
N LYS B 42 -9.05 -8.29 -0.99
CA LYS B 42 -9.87 -7.12 -1.26
C LYS B 42 -10.74 -7.38 -2.49
N PHE B 43 -12.05 -7.17 -2.34
CA PHE B 43 -12.99 -7.31 -3.44
C PHE B 43 -12.79 -6.21 -4.49
N ARG B 44 -12.86 -6.60 -5.76
CA ARG B 44 -13.10 -5.65 -6.83
C ARG B 44 -14.58 -5.28 -6.87
N GLU B 45 -14.93 -4.35 -7.76
CA GLU B 45 -16.32 -3.88 -7.86
C GLU B 45 -17.27 -4.99 -8.28
N ASP B 46 -16.77 -6.05 -8.91
CA ASP B 46 -17.60 -7.17 -9.35
C ASP B 46 -17.51 -8.35 -8.41
N TYR B 47 -16.88 -8.16 -7.25
CA TYR B 47 -16.71 -9.16 -6.19
C TYR B 47 -15.79 -10.30 -6.58
N PHE B 48 -15.08 -10.19 -7.71
CA PHE B 48 -13.75 -10.78 -7.78
C PHE B 48 -12.84 -10.02 -6.80
N GLY B 49 -11.56 -10.38 -6.75
CA GLY B 49 -10.72 -9.72 -5.77
C GLY B 49 -9.29 -10.22 -5.84
N ASP B 50 -8.47 -9.60 -5.01
CA ASP B 50 -7.02 -9.78 -5.06
C ASP B 50 -6.46 -9.86 -3.64
N PHE B 51 -5.44 -10.67 -3.46
CA PHE B 51 -4.75 -10.78 -2.18
C PHE B 51 -3.87 -9.55 -1.96
N ILE B 52 -4.08 -8.85 -0.85
CA ILE B 52 -3.34 -7.63 -0.55
C ILE B 52 -2.18 -7.90 0.40
N THR B 53 -2.43 -8.66 1.47
CA THR B 53 -1.43 -8.89 2.49
C THR B 53 -1.52 -10.34 2.94
N GLU B 54 -0.38 -10.92 3.30
CA GLU B 54 -0.36 -12.28 3.79
C GLU B 54 0.79 -12.46 4.76
N SER B 55 0.56 -13.30 5.77
CA SER B 55 1.61 -13.83 6.62
C SER B 55 1.57 -15.34 6.52
N GLU B 56 2.66 -15.94 6.05
CA GLU B 56 2.72 -17.37 5.81
C GLU B 56 3.91 -17.96 6.55
N ALA B 57 3.82 -19.26 6.83
CA ALA B 57 4.90 -20.00 7.46
C ALA B 57 4.90 -21.42 6.95
N GLY B 58 6.06 -21.90 6.49
CA GLY B 58 6.20 -23.27 6.05
C GLY B 58 6.67 -23.40 4.62
N GLY B 59 7.13 -22.30 4.03
CA GLY B 59 7.68 -22.31 2.69
C GLY B 59 6.64 -22.52 1.61
N TRP B 60 5.56 -21.77 1.66
CA TRP B 60 4.45 -21.86 0.71
C TRP B 60 4.55 -20.71 -0.28
N ARG B 61 3.85 -20.86 -1.40
CA ARG B 61 3.82 -19.76 -2.37
C ARG B 61 3.10 -18.54 -1.79
N LYS B 62 3.55 -17.36 -2.21
CA LYS B 62 2.90 -16.11 -1.84
C LYS B 62 1.71 -15.82 -2.74
N LEU B 63 0.60 -15.43 -2.12
CA LEU B 63 -0.63 -15.14 -2.87
C LEU B 63 -0.80 -13.67 -3.15
N VAL B 64 -0.11 -12.79 -2.40
CA VAL B 64 -0.19 -11.37 -2.67
C VAL B 64 0.32 -11.11 -4.09
N GLY B 65 -0.38 -10.24 -4.81
CA GLY B 65 -0.08 -10.02 -6.21
C GLY B 65 -0.85 -10.93 -7.14
N SER B 66 -1.66 -11.84 -6.61
CA SER B 66 -2.50 -12.72 -7.39
C SER B 66 -3.96 -12.44 -7.07
N GLY B 67 -4.82 -12.87 -7.99
CA GLY B 67 -6.24 -12.70 -7.80
C GLY B 67 -6.97 -14.03 -7.71
N TRP B 68 -8.17 -14.01 -7.17
CA TRP B 68 -9.08 -15.15 -7.24
C TRP B 68 -10.39 -14.60 -7.78
N GLU B 69 -10.76 -15.00 -9.00
CA GLU B 69 -12.01 -14.58 -9.62
C GLU B 69 -13.03 -15.70 -9.47
N ASP B 70 -13.68 -15.72 -8.32
CA ASP B 70 -14.63 -16.79 -8.01
C ASP B 70 -15.97 -16.46 -8.67
N PRO B 71 -16.47 -17.32 -9.58
CA PRO B 71 -17.71 -16.98 -10.29
C PRO B 71 -18.93 -16.95 -9.40
N TYR B 72 -18.94 -17.73 -8.32
CA TYR B 72 -20.08 -17.72 -7.41
C TYR B 72 -20.15 -16.41 -6.65
N LEU B 73 -19.01 -15.94 -6.13
CA LEU B 73 -19.00 -14.67 -5.42
C LEU B 73 -19.36 -13.52 -6.33
N ASN B 74 -18.97 -13.59 -7.61
CA ASN B 74 -19.39 -12.59 -8.57
C ASN B 74 -20.89 -12.64 -8.83
N GLU B 75 -21.43 -13.83 -9.12
CA GLU B 75 -22.85 -13.93 -9.44
C GLU B 75 -23.73 -13.54 -8.25
N HIS B 76 -23.30 -13.87 -7.04
CA HIS B 76 -24.07 -13.57 -5.85
C HIS B 76 -23.55 -12.34 -5.12
N GLN B 77 -22.70 -11.55 -5.78
CA GLN B 77 -22.09 -10.32 -5.27
C GLN B 77 -21.67 -10.44 -3.81
N GLY B 78 -20.68 -11.30 -3.55
CA GLY B 78 -20.15 -11.52 -2.23
C GLY B 78 -20.76 -12.67 -1.45
N GLY B 79 -21.85 -13.25 -1.94
CA GLY B 79 -22.41 -14.44 -1.30
C GLY B 79 -22.84 -14.19 0.13
N ARG B 80 -22.59 -15.21 0.97
CA ARG B 80 -23.05 -15.17 2.34
C ARG B 80 -22.36 -14.06 3.12
N PHE B 81 -21.25 -13.54 2.59
CA PHE B 81 -20.50 -12.52 3.30
C PHE B 81 -21.26 -11.21 3.33
N GLN B 82 -22.23 -11.03 2.42
CA GLN B 82 -23.07 -9.84 2.49
C GLN B 82 -23.87 -9.84 3.78
N GLN B 83 -24.13 -11.02 4.34
CA GLN B 83 -24.83 -11.17 5.62
C GLN B 83 -23.86 -11.41 6.77
N ASN B 84 -22.56 -11.20 6.56
CA ASN B 84 -21.52 -11.46 7.56
C ASN B 84 -21.58 -12.89 8.07
N GLN B 85 -21.86 -13.82 7.17
CA GLN B 85 -21.70 -15.19 7.65
C GLN B 85 -20.29 -15.68 7.33
N PRO B 86 -19.64 -16.41 8.24
CA PRO B 86 -18.33 -16.96 7.95
C PRO B 86 -18.42 -18.23 7.13
N PHE B 87 -17.27 -18.66 6.61
CA PHE B 87 -17.17 -19.90 5.85
C PHE B 87 -16.07 -20.72 6.50
N VAL B 88 -16.44 -21.85 7.10
CA VAL B 88 -15.59 -22.59 8.02
C VAL B 88 -15.50 -24.01 7.50
N VAL B 89 -14.30 -24.40 7.06
CA VAL B 89 -14.09 -25.68 6.40
C VAL B 89 -12.84 -26.29 7.01
N ASP B 90 -13.04 -27.29 7.88
CA ASP B 90 -11.91 -28.01 8.47
C ASP B 90 -11.10 -28.68 7.38
N ASP B 91 -11.77 -29.29 6.41
CA ASP B 91 -11.15 -30.15 5.41
C ASP B 91 -11.90 -29.89 4.10
N ILE B 92 -11.20 -29.33 3.11
CA ILE B 92 -11.86 -28.92 1.86
C ILE B 92 -12.47 -30.11 1.14
N TYR B 93 -12.02 -31.32 1.43
CA TYR B 93 -12.53 -32.52 0.80
C TYR B 93 -13.76 -33.09 1.52
N LEU B 94 -14.13 -32.55 2.67
CA LEU B 94 -15.26 -33.05 3.43
C LEU B 94 -16.42 -32.06 3.47
N GLY B 95 -16.17 -30.81 3.85
CA GLY B 95 -17.21 -29.80 3.70
C GLY B 95 -17.24 -28.77 4.81
N GLU B 96 -18.15 -27.80 4.68
CA GLU B 96 -18.22 -26.66 5.57
C GLU B 96 -19.05 -26.98 6.82
N THR B 97 -18.64 -26.38 7.92
CA THR B 97 -19.42 -26.38 9.15
C THR B 97 -20.59 -25.41 9.03
N ILE B 98 -21.76 -25.85 9.46
CA ILE B 98 -22.97 -25.05 9.34
C ILE B 98 -22.93 -23.96 10.41
N TRP B 99 -23.15 -22.72 10.00
CA TRP B 99 -23.17 -21.58 10.90
C TRP B 99 -24.56 -20.98 10.91
N GLU B 100 -25.19 -20.97 12.09
CA GLU B 100 -26.55 -20.50 12.26
C GLU B 100 -26.63 -19.69 13.54
N GLU B 101 -27.34 -18.55 13.45
CA GLU B 101 -27.59 -17.68 14.60
C GLU B 101 -26.30 -17.35 15.35
N GLY B 102 -25.26 -17.05 14.59
CA GLY B 102 -24.01 -16.58 15.17
C GLY B 102 -23.22 -17.64 15.89
N LYS B 103 -23.41 -18.91 15.54
CA LYS B 103 -22.69 -20.00 16.17
C LYS B 103 -22.74 -21.23 15.26
N PHE B 104 -21.90 -22.21 15.59
CA PHE B 104 -21.99 -23.51 14.95
C PHE B 104 -23.32 -24.17 15.27
N ASN B 105 -23.83 -24.95 14.32
CA ASN B 105 -24.87 -25.93 14.59
C ASN B 105 -24.28 -27.32 14.33
N LEU B 106 -23.92 -28.02 15.40
CA LEU B 106 -23.33 -29.35 15.28
C LEU B 106 -24.35 -30.43 14.95
N GLN B 107 -25.65 -30.13 14.97
CA GLN B 107 -26.67 -31.10 14.64
C GLN B 107 -27.23 -30.90 13.24
N LYS B 108 -26.44 -30.31 12.35
CA LYS B 108 -26.75 -30.28 10.94
C LYS B 108 -25.54 -30.79 10.16
N PRO B 109 -25.77 -31.52 9.08
CA PRO B 109 -24.65 -32.17 8.38
C PRO B 109 -23.75 -31.17 7.68
N LYS B 110 -22.48 -31.54 7.56
CA LYS B 110 -21.53 -30.71 6.83
C LYS B 110 -21.93 -30.67 5.36
N ARG B 111 -21.64 -29.54 4.72
CA ARG B 111 -22.09 -29.34 3.35
C ARG B 111 -20.89 -29.47 2.42
N PRO B 112 -20.88 -30.43 1.50
CA PRO B 112 -19.72 -30.58 0.62
C PRO B 112 -19.52 -29.37 -0.28
N LEU B 113 -18.26 -29.10 -0.59
CA LEU B 113 -17.93 -28.03 -1.52
C LEU B 113 -18.06 -28.53 -2.96
N THR B 114 -18.40 -27.62 -3.86
CA THR B 114 -18.42 -27.93 -5.29
C THR B 114 -17.00 -28.23 -5.75
N ASP B 115 -16.89 -29.18 -6.69
CA ASP B 115 -15.57 -29.64 -7.13
C ASP B 115 -14.67 -28.49 -7.58
N CYS B 116 -15.21 -27.56 -8.37
CA CYS B 116 -14.36 -26.48 -8.87
C CYS B 116 -13.96 -25.51 -7.75
N HIS B 117 -14.75 -25.40 -6.69
CA HIS B 117 -14.32 -24.63 -5.52
C HIS B 117 -13.14 -25.32 -4.83
N ILE B 118 -13.25 -26.64 -4.62
CA ILE B 118 -12.16 -27.41 -4.05
C ILE B 118 -10.90 -27.24 -4.89
N GLU B 119 -11.06 -27.31 -6.22
CA GLU B 119 -9.93 -27.18 -7.14
C GLU B 119 -9.30 -25.79 -7.06
N ALA B 120 -10.14 -24.75 -6.93
CA ALA B 120 -9.61 -23.40 -6.77
C ALA B 120 -8.84 -23.26 -5.47
N LEU B 121 -9.34 -23.86 -4.39
CA LEU B 121 -8.62 -23.83 -3.13
C LEU B 121 -7.29 -24.57 -3.25
N GLU B 122 -7.30 -25.72 -3.93
CA GLU B 122 -6.07 -26.44 -4.19
C GLU B 122 -5.07 -25.59 -4.97
N SER B 123 -5.57 -24.76 -5.89
CA SER B 123 -4.68 -23.91 -6.67
C SER B 123 -3.95 -22.90 -5.79
N PHE B 124 -4.50 -22.57 -4.63
CA PHE B 124 -3.85 -21.70 -3.65
C PHE B 124 -3.22 -22.49 -2.51
N GLU B 125 -3.13 -23.81 -2.64
CA GLU B 125 -2.47 -24.69 -1.69
C GLU B 125 -3.21 -24.82 -0.37
N VAL B 126 -4.53 -24.56 -0.35
CA VAL B 126 -5.31 -24.57 0.88
C VAL B 126 -5.87 -25.97 1.11
N LYS B 127 -5.76 -26.44 2.37
CA LYS B 127 -6.42 -27.66 2.80
C LYS B 127 -7.48 -27.41 3.86
N SER B 128 -7.53 -26.21 4.43
CA SER B 128 -8.44 -25.87 5.52
C SER B 128 -8.58 -24.35 5.51
N CYS B 129 -9.80 -23.86 5.72
CA CYS B 129 -9.98 -22.42 5.66
C CYS B 129 -11.09 -21.92 6.58
N ALA B 130 -10.83 -20.80 7.25
CA ALA B 130 -11.86 -20.04 7.94
C ALA B 130 -11.83 -18.63 7.38
N VAL B 131 -12.93 -18.20 6.78
CA VAL B 131 -12.99 -16.98 6.00
C VAL B 131 -14.11 -16.12 6.56
N VAL B 132 -13.82 -14.85 6.85
CA VAL B 132 -14.80 -13.94 7.41
C VAL B 132 -14.74 -12.64 6.62
N ALA B 133 -15.86 -11.91 6.67
CA ALA B 133 -16.00 -10.68 5.90
C ALA B 133 -15.28 -9.52 6.58
N ILE B 134 -14.68 -8.66 5.76
CA ILE B 134 -14.20 -7.36 6.21
C ILE B 134 -15.18 -6.33 5.69
N PHE B 135 -15.86 -5.65 6.61
CA PHE B 135 -16.76 -4.57 6.25
C PHE B 135 -16.11 -3.21 6.51
N GLN B 136 -16.18 -2.33 5.51
CA GLN B 136 -15.81 -0.92 5.65
C GLN B 136 -17.10 -0.15 5.84
N GLY B 137 -17.41 0.19 7.09
CA GLY B 137 -18.76 0.63 7.37
C GLY B 137 -19.71 -0.52 7.12
N GLN B 138 -20.73 -0.25 6.31
CA GLN B 138 -21.66 -1.28 5.89
C GLN B 138 -21.37 -1.78 4.49
N LYS B 139 -20.20 -1.49 3.94
CA LYS B 139 -19.82 -1.94 2.61
C LYS B 139 -18.93 -3.17 2.71
N LEU B 140 -19.29 -4.25 2.02
CA LEU B 140 -18.44 -5.44 2.02
C LEU B 140 -17.19 -5.15 1.21
N TRP B 141 -16.04 -5.12 1.88
CA TRP B 141 -14.76 -4.69 1.33
C TRP B 141 -13.87 -5.85 0.93
N GLY B 142 -13.91 -6.94 1.70
CA GLY B 142 -13.00 -8.03 1.45
C GLY B 142 -13.24 -9.17 2.41
N LEU B 143 -12.24 -10.04 2.49
CA LEU B 143 -12.27 -11.23 3.31
C LEU B 143 -10.98 -11.36 4.10
N LEU B 144 -11.10 -11.80 5.34
CA LEU B 144 -9.97 -12.22 6.15
C LEU B 144 -9.99 -13.74 6.19
N SER B 145 -8.90 -14.38 5.76
CA SER B 145 -8.87 -15.82 5.62
C SER B 145 -7.75 -16.42 6.46
N ALA B 146 -8.09 -17.46 7.19
CA ALA B 146 -7.13 -18.28 7.91
C ALA B 146 -7.03 -19.63 7.20
N PHE B 147 -5.82 -20.00 6.78
CA PHE B 147 -5.58 -21.18 5.96
C PHE B 147 -4.60 -22.09 6.67
N GLN B 148 -4.86 -23.39 6.58
CA GLN B 148 -3.87 -24.43 6.78
C GLN B 148 -3.61 -25.10 5.43
N ASN B 149 -2.33 -25.30 5.11
CA ASN B 149 -1.94 -25.79 3.80
C ASN B 149 -1.48 -27.24 3.81
N SER B 150 -0.86 -27.70 4.89
CA SER B 150 -0.27 -29.03 4.93
C SER B 150 -1.23 -30.11 5.43
N ALA B 151 -2.32 -29.72 6.07
CA ALA B 151 -3.19 -30.69 6.74
C ALA B 151 -4.53 -30.01 7.04
N PRO B 152 -5.57 -30.79 7.30
CA PRO B 152 -6.80 -30.19 7.86
C PRO B 152 -6.54 -29.62 9.24
N ARG B 153 -7.45 -28.75 9.67
CA ARG B 153 -7.37 -28.21 11.02
C ARG B 153 -8.78 -27.95 11.51
N HIS B 154 -9.04 -28.30 12.76
CA HIS B 154 -10.35 -28.05 13.33
C HIS B 154 -10.45 -26.61 13.76
N TRP B 155 -11.49 -25.93 13.27
CA TRP B 155 -11.82 -24.57 13.69
C TRP B 155 -12.94 -24.65 14.72
N ASP B 156 -12.75 -24.00 15.87
CA ASP B 156 -13.83 -23.93 16.83
C ASP B 156 -14.50 -22.56 16.76
N GLU B 157 -15.68 -22.46 17.39
CA GLU B 157 -16.51 -21.27 17.26
C GLU B 157 -15.81 -20.04 17.80
N ALA B 158 -15.06 -20.19 18.90
CA ALA B 158 -14.37 -19.04 19.47
C ALA B 158 -13.26 -18.54 18.57
N GLU B 159 -12.62 -19.41 17.79
CA GLU B 159 -11.63 -18.93 16.83
C GLU B 159 -12.28 -18.15 15.70
N VAL B 160 -13.44 -18.60 15.21
CA VAL B 160 -14.12 -17.86 14.16
C VAL B 160 -14.62 -16.51 14.68
N GLN B 161 -15.15 -16.50 15.91
CA GLN B 161 -15.57 -15.24 16.53
C GLN B 161 -14.39 -14.28 16.69
N LEU B 162 -13.24 -14.79 17.14
CA LEU B 162 -12.04 -13.96 17.23
C LEU B 162 -11.71 -13.38 15.86
N LEU B 163 -11.76 -14.23 14.82
CA LEU B 163 -11.42 -13.79 13.48
C LEU B 163 -12.36 -12.68 13.03
N MET B 164 -13.65 -12.82 13.36
CA MET B 164 -14.63 -11.80 13.00
C MET B 164 -14.37 -10.49 13.74
N ARG B 165 -13.90 -10.58 14.99
CA ARG B 165 -13.58 -9.36 15.73
C ARG B 165 -12.36 -8.68 15.14
N VAL B 166 -11.38 -9.47 14.71
CA VAL B 166 -10.21 -8.91 14.04
C VAL B 166 -10.61 -8.25 12.73
N ALA B 167 -11.51 -8.90 11.98
CA ALA B 167 -12.03 -8.30 10.75
C ALA B 167 -12.77 -7.00 11.04
N ASP B 168 -13.50 -6.94 12.15
CA ASP B 168 -14.09 -5.68 12.60
C ASP B 168 -13.03 -4.59 12.74
N GLN B 169 -11.91 -4.94 13.38
CA GLN B 169 -10.87 -3.94 13.60
C GLN B 169 -10.24 -3.51 12.28
N LEU B 170 -9.98 -4.47 11.39
CA LEU B 170 -9.52 -4.16 10.05
C LEU B 170 -10.48 -3.21 9.34
N GLY B 171 -11.78 -3.48 9.43
CA GLY B 171 -12.74 -2.62 8.75
C GLY B 171 -12.72 -1.21 9.31
N VAL B 172 -12.57 -1.10 10.62
CA VAL B 172 -12.51 0.22 11.26
C VAL B 172 -11.25 0.97 10.81
N ALA B 173 -10.14 0.25 10.67
CA ALA B 173 -8.91 0.89 10.20
C ALA B 173 -9.01 1.31 8.74
N ILE B 174 -9.64 0.49 7.90
CA ILE B 174 -9.85 0.87 6.50
C ILE B 174 -10.75 2.08 6.41
N GLN B 175 -11.81 2.12 7.22
CA GLN B 175 -12.70 3.28 7.27
C GLN B 175 -11.92 4.53 7.65
N GLN B 176 -11.10 4.45 8.70
CA GLN B 176 -10.37 5.63 9.14
C GLN B 176 -9.28 6.02 8.15
N ALA B 177 -8.75 5.04 7.41
CA ALA B 177 -7.73 5.34 6.40
C ALA B 177 -8.35 6.10 5.24
N GLU B 178 -9.56 5.75 4.82
CA GLU B 178 -10.20 6.51 3.77
C GLU B 178 -10.89 7.76 4.30
N TYR B 179 -11.10 7.85 5.61
CA TYR B 179 -11.37 9.13 6.26
C TYR B 179 -10.22 10.10 6.07
CHA BVX C . 14.35 26.92 -8.80
NA BVX C . 12.13 25.63 -8.49
C1A BVX C . 13.47 25.70 -8.50
C2A BVX C . 13.96 24.45 -8.21
C3A BVX C . 12.89 23.62 -8.03
C4A BVX C . 11.74 24.37 -8.21
CMA BVX C . 13.02 22.14 -7.68
CAA BVX C . 15.43 24.07 -8.13
CBA BVX C . 15.86 23.63 -9.54
CGA BVX C . 17.21 24.25 -9.92
O1A BVX C . 17.87 24.90 -9.07
O2A BVX C . 17.66 24.08 -11.09
CHB BVX C . 10.26 23.98 -8.12
NB BVX C . 10.05 22.07 -6.67
C1B BVX C . 9.73 22.82 -7.74
C2B BVX C . 8.70 22.18 -8.40
C3B BVX C . 8.40 21.05 -7.74
C4B BVX C . 9.25 20.97 -6.66
CMB BVX C . 7.99 22.68 -9.66
OB BVX C . 9.28 20.10 -5.85
CAB BVX C . 7.32 20.05 -8.13
CBB BVX C . 6.72 19.30 -7.23
NC BVX C . 9.79 29.89 -8.59
C1C BVX C . 8.47 30.23 -8.61
C2C BVX C . 8.37 31.59 -8.62
C3C BVX C . 9.62 32.10 -8.61
C4C BVX C . 10.50 31.04 -8.59
CMC BVX C . 7.07 32.40 -8.65
OC BVX C . 7.55 29.47 -8.62
CAC BVX C . 9.97 33.58 -8.61
CBC BVX C . 10.52 34.09 -9.95
CHD BVX C . 11.82 31.19 -8.57
ND BVX C . 12.74 28.73 -8.65
C1D BVX C . 12.89 30.09 -8.66
C2D BVX C . 14.22 30.39 -8.76
C3D BVX C . 14.90 29.23 -8.83
C4D BVX C . 14.00 28.19 -8.76
CMD BVX C . 14.82 31.79 -8.82
CAD BVX C . 16.42 29.09 -8.96
CBD BVX C . 17.05 28.55 -7.67
CGD BVX C . 16.64 29.42 -6.48
O1D BVX C . 16.82 30.66 -6.51
O2D BVX C . 16.13 28.89 -5.47
C1 EDO D . 12.77 36.86 -10.89
O1 EDO D . 11.70 37.76 -10.59
C2 EDO D . 13.39 36.35 -9.60
O2 EDO D . 14.35 35.33 -9.91
CHA BVX E . -18.32 -20.43 -2.89
NA BVX E . -15.99 -19.29 -2.91
C1A BVX E . -17.11 -19.69 -2.29
C2A BVX E . -17.04 -19.33 -0.96
C3A BVX E . -15.85 -18.70 -0.78
C4A BVX E . -15.19 -18.67 -2.00
CMA BVX E . -15.39 -18.14 0.56
CAA BVX E . -18.12 -19.59 0.10
CBA BVX E . -19.07 -18.38 0.08
CGA BVX E . -20.54 -18.81 0.12
O1A BVX E . -20.86 -20.02 0.29
O2A BVX E . -21.45 -17.94 0.00
CHB BVX E . -13.82 -18.09 -2.39
NB BVX E . -12.47 -18.12 -0.42
C1B BVX E . -12.90 -17.59 -1.58
C2B BVX E . -12.18 -16.44 -1.80
C3B BVX E . -11.33 -16.26 -0.77
C4B BVX E . -11.51 -17.31 0.10
CMB BVX E . -12.33 -15.49 -3.01
OB BVX E . -10.93 -17.50 1.11
CAB BVX E . -10.36 -15.09 -0.62
CBB BVX E . -9.24 -15.24 0.06
NC BVX E . -15.28 -21.08 -7.22
C1C BVX E . -14.25 -20.85 -8.09
C2C BVX E . -14.50 -21.55 -9.24
C3C BVX E . -15.68 -22.19 -9.09
C4C BVX E . -16.15 -21.90 -7.83
CMC BVX E . -13.62 -21.57 -10.49
OC BVX E . -13.30 -20.18 -7.89
CAC BVX E . -16.36 -23.09 -10.13
CBC BVX E . -17.58 -22.46 -10.78
CHD BVX E . -17.28 -22.37 -7.33
ND BVX E . -17.42 -21.14 -5.02
C1D BVX E . -17.92 -21.95 -6.00
C2D BVX E . -19.15 -22.40 -5.60
C3D BVX E . -19.42 -21.88 -4.40
C4D BVX E . -18.35 -21.09 -4.03
CMD BVX E . -20.05 -23.34 -6.40
CAD BVX E . -20.69 -22.10 -3.58
CBD BVX E . -20.40 -22.97 -2.36
CGD BVX E . -19.75 -24.28 -2.80
O1D BVX E . -20.32 -24.99 -3.67
O2D BVX E . -18.65 -24.66 -2.30
#